data_8P1T
#
_entry.id   8P1T
#
_cell.length_a   67.858
_cell.length_b   93.482
_cell.length_c   116.793
_cell.angle_alpha   90.000
_cell.angle_beta   90.000
_cell.angle_gamma   90.000
#
_symmetry.space_group_name_H-M   'I 2 2 2'
#
loop_
_entity.id
_entity.type
_entity.pdbx_description
1 polymer 'S-adenosylmethionine synthase isoform type-2'
2 non-polymer S-ADENOSYLMETHIONINE
3 non-polymer 6-cyclopropyl-~{N}-(1~{H}-indazol-5-yl)-1-propan-2-yl-pyrazolo[3,4-b]pyridine-4-carboxamide
4 non-polymer 1,2-ETHANEDIOL
5 non-polymer 'CHLORIDE ION'
6 non-polymer 'SODIUM ION'
7 water water
#
_entity_poly.entity_id   1
_entity_poly.type   'polypeptide(L)'
_entity_poly.pdbx_seq_one_letter_code
;MAHHHHHHSSGENLYFQGNGQLNGFHEAFIEEGTFLFTSESVGEGHPDKICDQISDAVLDAHLQQDPDAKVACETVAKTG
MILLAGEITSRAAVDYQKVVREAVKHIGYDDSSKGFDYKTCNVLVALEQQSPDIAQGVHLDRNEEDIGAGDQGLMFGYAT
DETEECMPLTIVLAHKLNAKLAELRRNGTLPWLRPDSKTQVTVQYMQDRGAVLPIRVHTIVISVQHDEEVCLDEMRDALK
EKVIKAVVPAKYLDEDTIYHLQPSGRFVIGGPQGDAGLTGRKIIVDTYGGWGAHGGGAFSGKDYTKVDRSAAYAARWVAK
SLVKGGLCRRVLVQVSYAIGVSHPLSISIFHYGTSQKSERELLEIVKKNFDLRPGVIVRDLDLKKPIYQRTAAYGHFGRD
SFPWEVPKKLKY
;
_entity_poly.pdbx_strand_id   AAA
#
loop_
_chem_comp.id
_chem_comp.type
_chem_comp.name
_chem_comp.formula
CL non-polymer 'CHLORIDE ION' 'Cl -1'
EDO non-polymer 1,2-ETHANEDIOL 'C2 H6 O2'
NA non-polymer 'SODIUM ION' 'Na 1'
SAM non-polymer S-ADENOSYLMETHIONINE 'C15 H22 N6 O5 S'
WJL non-polymer 6-cyclopropyl-~{N}-(1~{H}-indazol-5-yl)-1-propan-2-yl-pyrazolo[3,4-b]pyridine-4-carboxamide 'C20 H20 N6 O'
#
# COMPACT_ATOMS: atom_id res chain seq x y z
N GLU A 31 19.08 -13.54 22.72
CA GLU A 31 20.01 -14.54 22.11
C GLU A 31 20.80 -13.86 20.98
N GLU A 32 22.09 -14.23 20.84
CA GLU A 32 23.06 -13.59 19.91
C GLU A 32 22.58 -13.77 18.47
N GLY A 33 22.69 -12.71 17.66
CA GLY A 33 22.31 -12.70 16.24
C GLY A 33 20.81 -12.54 16.05
N THR A 34 20.06 -12.19 17.10
CA THR A 34 18.61 -11.93 16.98
C THR A 34 18.34 -10.44 17.21
N PHE A 35 17.24 -9.98 16.62
CA PHE A 35 16.78 -8.59 16.76
C PHE A 35 15.27 -8.55 16.59
N LEU A 36 14.66 -7.49 17.10
CA LEU A 36 13.21 -7.25 16.94
C LEU A 36 12.99 -6.32 15.75
N PHE A 37 11.90 -6.51 15.05
CA PHE A 37 11.43 -5.53 14.05
C PHE A 37 9.92 -5.47 14.15
N THR A 38 9.40 -4.25 14.11
CA THR A 38 7.96 -3.98 14.25
C THR A 38 7.43 -3.35 12.95
N SER A 39 6.28 -3.83 12.49
CA SER A 39 5.51 -3.22 11.39
C SER A 39 4.08 -3.03 11.83
N GLU A 40 3.39 -2.06 11.22
CA GLU A 40 1.95 -1.86 11.50
C GLU A 40 1.15 -1.96 10.21
N SER A 41 -0.15 -2.14 10.38
CA SER A 41 -1.12 -2.03 9.27
C SER A 41 -2.36 -1.37 9.81
N VAL A 42 -3.24 -0.95 8.91
CA VAL A 42 -4.53 -0.34 9.31
C VAL A 42 -5.64 -0.96 8.48
N GLY A 43 -6.86 -0.85 8.99
CA GLY A 43 -8.05 -1.39 8.32
C GLY A 43 -8.60 -0.41 7.29
N GLU A 44 -9.58 -0.89 6.56
CA GLU A 44 -10.24 -0.13 5.47
C GLU A 44 -10.88 1.15 6.02
N GLY A 45 -11.35 1.13 7.28
CA GLY A 45 -12.03 2.30 7.88
C GLY A 45 -11.10 3.23 8.63
N HIS A 46 -9.79 2.94 8.67
CA HIS A 46 -8.81 3.91 9.19
C HIS A 46 -8.94 5.16 8.33
N PRO A 47 -9.10 6.37 8.92
N PRO A 47 -9.07 6.37 8.92
CA PRO A 47 -9.43 7.55 8.11
CA PRO A 47 -9.40 7.56 8.14
C PRO A 47 -8.40 7.91 7.02
C PRO A 47 -8.40 7.88 7.00
N ASP A 48 -7.11 7.67 7.24
CA ASP A 48 -6.08 7.85 6.18
C ASP A 48 -6.35 6.84 5.06
N LYS A 49 -6.66 5.60 5.42
CA LYS A 49 -6.91 4.55 4.41
C LYS A 49 -8.24 4.81 3.69
N ILE A 50 -9.25 5.38 4.35
CA ILE A 50 -10.49 5.79 3.65
C ILE A 50 -10.09 6.71 2.49
N CYS A 51 -9.22 7.68 2.77
CA CYS A 51 -8.80 8.70 1.78
C CYS A 51 -8.06 8.02 0.62
N ASP A 52 -7.16 7.09 0.92
CA ASP A 52 -6.46 6.34 -0.15
C ASP A 52 -7.48 5.62 -1.03
N GLN A 53 -8.43 4.92 -0.42
CA GLN A 53 -9.41 4.12 -1.17
C GLN A 53 -10.29 5.04 -2.02
N ILE A 54 -10.71 6.18 -1.49
CA ILE A 54 -11.56 7.16 -2.25
C ILE A 54 -10.73 7.73 -3.41
N SER A 55 -9.49 8.15 -3.15
CA SER A 55 -8.59 8.69 -4.20
C SER A 55 -8.48 7.68 -5.33
N ASP A 56 -8.35 6.39 -5.00
CA ASP A 56 -8.19 5.34 -6.04
C ASP A 56 -9.53 4.97 -6.67
N ALA A 57 -10.64 5.10 -5.95
CA ALA A 57 -11.98 4.94 -6.55
C ALA A 57 -12.18 6.01 -7.63
N VAL A 58 -11.72 7.22 -7.35
CA VAL A 58 -11.83 8.35 -8.31
C VAL A 58 -10.92 8.07 -9.51
N LEU A 59 -9.68 7.63 -9.26
CA LEU A 59 -8.75 7.28 -10.35
C LEU A 59 -9.37 6.19 -11.24
N ASP A 60 -9.88 5.12 -10.63
CA ASP A 60 -10.49 4.00 -11.41
C ASP A 60 -11.68 4.53 -12.22
N ALA A 61 -12.52 5.36 -11.64
CA ALA A 61 -13.71 5.90 -12.33
C ALA A 61 -13.26 6.65 -13.59
N HIS A 62 -12.19 7.43 -13.49
CA HIS A 62 -11.62 8.14 -14.66
C HIS A 62 -11.06 7.14 -15.67
N LEU A 63 -10.26 6.19 -15.22
CA LEU A 63 -9.58 5.23 -16.14
C LEU A 63 -10.59 4.34 -16.87
N GLN A 64 -11.74 4.06 -16.26
CA GLN A 64 -12.80 3.23 -16.88
C GLN A 64 -13.28 3.89 -18.18
N GLN A 65 -13.28 5.22 -18.24
CA GLN A 65 -13.77 5.97 -19.43
C GLN A 65 -12.62 6.55 -20.25
N ASP A 66 -11.52 6.92 -19.61
CA ASP A 66 -10.36 7.58 -20.28
C ASP A 66 -9.09 6.95 -19.73
N PRO A 67 -8.55 5.92 -20.40
CA PRO A 67 -7.31 5.26 -19.97
C PRO A 67 -6.11 6.22 -19.82
N ASP A 68 -6.18 7.39 -20.47
CA ASP A 68 -5.08 8.40 -20.45
C ASP A 68 -5.41 9.55 -19.51
N ALA A 69 -6.41 9.40 -18.63
CA ALA A 69 -6.73 10.42 -17.60
C ALA A 69 -5.47 10.78 -16.82
N LYS A 70 -5.27 12.09 -16.61
CA LYS A 70 -4.23 12.62 -15.72
C LYS A 70 -4.91 12.91 -14.39
N VAL A 71 -4.52 12.18 -13.35
CA VAL A 71 -5.26 12.18 -12.07
C VAL A 71 -4.25 12.40 -10.94
N ALA A 72 -4.56 13.38 -10.11
CA ALA A 72 -3.81 13.71 -8.88
C ALA A 72 -4.84 14.08 -7.82
N CYS A 73 -5.56 13.08 -7.33
CA CYS A 73 -6.75 13.30 -6.48
C CYS A 73 -6.40 13.03 -5.03
N GLU A 74 -6.31 14.09 -4.25
CA GLU A 74 -6.12 14.00 -2.79
C GLU A 74 -7.50 13.95 -2.15
N THR A 75 -7.62 13.16 -1.10
CA THR A 75 -8.86 13.06 -0.30
C THR A 75 -8.52 13.47 1.14
N VAL A 76 -9.43 14.19 1.76
CA VAL A 76 -9.37 14.62 3.16
C VAL A 76 -10.67 14.15 3.80
N ALA A 77 -10.58 13.53 4.98
CA ALA A 77 -11.77 13.05 5.70
C ALA A 77 -11.74 13.59 7.12
N LYS A 78 -12.84 14.19 7.54
CA LYS A 78 -13.05 14.55 8.95
C LYS A 78 -14.54 14.32 9.23
N THR A 79 -14.99 14.49 10.47
CA THR A 79 -16.40 14.29 10.84
C THR A 79 -17.32 14.79 9.72
N GLY A 80 -18.10 13.89 9.13
CA GLY A 80 -19.15 14.22 8.16
C GLY A 80 -18.66 14.73 6.82
N MET A 81 -17.35 14.67 6.52
CA MET A 81 -16.78 15.36 5.32
C MET A 81 -15.82 14.43 4.58
N ILE A 82 -16.07 14.28 3.29
CA ILE A 82 -15.01 13.90 2.31
C ILE A 82 -14.79 15.11 1.42
N LEU A 83 -13.55 15.60 1.39
CA LEU A 83 -13.13 16.66 0.44
C LEU A 83 -12.17 16.04 -0.58
N LEU A 84 -12.43 16.25 -1.87
CA LEU A 84 -11.48 15.93 -2.96
C LEU A 84 -10.76 17.22 -3.35
N ALA A 85 -9.44 17.17 -3.38
CA ALA A 85 -8.61 18.34 -3.74
C ALA A 85 -7.50 17.87 -4.67
N GLY A 86 -7.29 18.57 -5.76
CA GLY A 86 -6.24 18.15 -6.70
C GLY A 86 -6.59 18.46 -8.13
N GLU A 87 -5.96 17.72 -9.02
CA GLU A 87 -5.89 18.07 -10.45
C GLU A 87 -6.23 16.84 -11.26
N ILE A 88 -7.27 16.96 -12.08
CA ILE A 88 -7.68 15.90 -13.03
C ILE A 88 -7.93 16.52 -14.39
N THR A 89 -7.25 16.00 -15.40
CA THR A 89 -7.57 16.30 -16.82
C THR A 89 -7.94 14.98 -17.48
N SER A 90 -9.18 14.89 -17.91
CA SER A 90 -9.80 13.60 -18.30
C SER A 90 -10.97 13.87 -19.22
N ARG A 91 -11.17 12.96 -20.17
CA ARG A 91 -12.38 12.97 -21.03
C ARG A 91 -13.55 12.29 -20.31
N ALA A 92 -13.32 11.70 -19.13
CA ALA A 92 -14.37 10.96 -18.39
C ALA A 92 -15.40 11.95 -17.85
N ALA A 93 -16.66 11.50 -17.77
CA ALA A 93 -17.73 12.17 -17.01
C ALA A 93 -17.93 11.37 -15.72
N VAL A 94 -17.42 11.87 -14.61
CA VAL A 94 -17.40 11.12 -13.32
C VAL A 94 -18.36 11.79 -12.35
N ASP A 95 -19.25 11.00 -11.77
CA ASP A 95 -20.17 11.47 -10.70
C ASP A 95 -19.41 11.30 -9.38
N TYR A 96 -18.74 12.36 -8.90
CA TYR A 96 -17.89 12.32 -7.68
C TYR A 96 -18.75 11.94 -6.46
N GLN A 97 -19.99 12.43 -6.38
CA GLN A 97 -20.90 12.10 -5.27
C GLN A 97 -21.09 10.57 -5.23
N LYS A 98 -21.40 9.95 -6.38
CA LYS A 98 -21.65 8.49 -6.45
C LYS A 98 -20.36 7.72 -6.12
N VAL A 99 -19.25 8.12 -6.73
CA VAL A 99 -17.98 7.37 -6.58
C VAL A 99 -17.56 7.41 -5.10
N VAL A 100 -17.57 8.59 -4.50
CA VAL A 100 -17.13 8.76 -3.09
C VAL A 100 -18.05 7.93 -2.20
N ARG A 101 -19.36 8.11 -2.34
CA ARG A 101 -20.32 7.47 -1.42
C ARG A 101 -20.27 5.96 -1.57
N GLU A 102 -20.11 5.45 -2.79
CA GLU A 102 -20.02 3.98 -3.01
C GLU A 102 -18.76 3.45 -2.32
N ALA A 103 -17.64 4.18 -2.35
CA ALA A 103 -16.40 3.73 -1.68
C ALA A 103 -16.62 3.67 -0.16
N VAL A 104 -17.27 4.69 0.40
CA VAL A 104 -17.51 4.74 1.87
C VAL A 104 -18.49 3.62 2.24
N LYS A 105 -19.51 3.37 1.42
CA LYS A 105 -20.46 2.24 1.62
C LYS A 105 -19.66 0.92 1.70
N HIS A 106 -18.78 0.67 0.73
CA HIS A 106 -17.98 -0.56 0.67
C HIS A 106 -17.19 -0.74 1.97
N ILE A 107 -16.60 0.34 2.47
CA ILE A 107 -15.77 0.34 3.71
C ILE A 107 -16.63 -0.05 4.92
N GLY A 108 -17.90 0.36 4.92
CA GLY A 108 -18.89 -0.06 5.94
C GLY A 108 -19.39 1.08 6.79
N TYR A 109 -19.09 2.34 6.44
CA TYR A 109 -19.61 3.51 7.17
C TYR A 109 -20.98 3.87 6.61
N ASP A 110 -22.03 3.28 7.20
CA ASP A 110 -23.41 3.34 6.65
C ASP A 110 -24.41 3.80 7.71
N ASP A 111 -23.97 4.44 8.78
CA ASP A 111 -24.93 4.88 9.83
C ASP A 111 -24.28 5.85 10.79
N SER A 112 -25.05 6.85 11.25
CA SER A 112 -24.53 7.84 12.21
C SER A 112 -24.06 7.14 13.50
N SER A 113 -24.62 5.98 13.85
CA SER A 113 -24.21 5.19 15.04
C SER A 113 -22.73 4.76 14.95
N LYS A 114 -22.20 4.62 13.72
CA LYS A 114 -20.81 4.20 13.46
C LYS A 114 -19.89 5.42 13.33
N GLY A 115 -20.44 6.63 13.36
CA GLY A 115 -19.65 7.87 13.34
C GLY A 115 -19.55 8.46 11.94
N PHE A 116 -20.02 7.75 10.91
CA PHE A 116 -19.90 8.20 9.50
C PHE A 116 -20.89 7.43 8.65
N ASP A 117 -21.50 8.12 7.69
CA ASP A 117 -22.54 7.51 6.84
C ASP A 117 -22.39 8.02 5.41
N TYR A 118 -22.12 7.09 4.49
CA TYR A 118 -22.00 7.41 3.04
C TYR A 118 -23.28 8.10 2.53
N LYS A 119 -24.43 7.79 3.11
CA LYS A 119 -25.72 8.31 2.60
C LYS A 119 -25.83 9.82 2.88
N THR A 120 -25.27 10.29 3.98
CA THR A 120 -25.60 11.62 4.55
C THR A 120 -24.37 12.48 4.80
N CYS A 121 -23.16 12.01 4.50
CA CYS A 121 -21.95 12.84 4.68
C CYS A 121 -21.92 13.94 3.62
N ASN A 122 -21.13 14.95 3.90
CA ASN A 122 -20.78 16.03 2.96
C ASN A 122 -19.70 15.51 2.02
N VAL A 123 -19.91 15.67 0.72
CA VAL A 123 -18.85 15.47 -0.32
C VAL A 123 -18.59 16.84 -0.96
N LEU A 124 -17.40 17.38 -0.72
CA LEU A 124 -16.94 18.69 -1.26
C LEU A 124 -15.90 18.38 -2.33
N VAL A 125 -15.90 19.15 -3.42
CA VAL A 125 -14.95 18.94 -4.54
C VAL A 125 -14.22 20.25 -4.85
N ALA A 126 -12.89 20.22 -4.78
CA ALA A 126 -11.97 21.30 -5.15
C ALA A 126 -10.99 20.73 -6.16
N LEU A 127 -11.52 20.33 -7.31
CA LEU A 127 -10.72 19.70 -8.39
C LEU A 127 -10.64 20.68 -9.55
N GLU A 128 -9.44 20.84 -10.09
N GLU A 128 -9.45 20.78 -10.12
CA GLU A 128 -9.16 21.66 -11.28
CA GLU A 128 -9.12 21.63 -11.28
C GLU A 128 -8.39 20.81 -12.27
C GLU A 128 -8.45 20.78 -12.35
N GLN A 129 -8.24 21.32 -13.49
N GLN A 129 -8.23 21.36 -13.53
CA GLN A 129 -7.44 20.62 -14.51
CA GLN A 129 -7.40 20.75 -14.58
C GLN A 129 -5.97 20.58 -14.05
C GLN A 129 -5.97 20.59 -14.04
N GLN A 130 -5.22 19.62 -14.58
CA GLN A 130 -3.77 19.57 -14.39
C GLN A 130 -3.16 20.89 -14.86
N SER A 131 -2.22 21.41 -14.10
CA SER A 131 -1.40 22.58 -14.50
C SER A 131 -0.96 22.41 -15.95
N PRO A 132 -1.31 23.34 -16.86
N PRO A 132 -1.25 23.37 -16.86
CA PRO A 132 -0.78 23.31 -18.22
CA PRO A 132 -0.77 23.27 -18.24
C PRO A 132 0.76 23.28 -18.28
C PRO A 132 0.76 23.35 -18.32
N ASP A 133 1.41 23.92 -17.30
CA ASP A 133 2.89 23.98 -17.21
C ASP A 133 3.43 22.57 -16.98
N ILE A 134 2.77 21.79 -16.12
CA ILE A 134 3.15 20.37 -15.90
C ILE A 134 2.86 19.60 -17.20
N ALA A 135 1.65 19.74 -17.72
CA ALA A 135 1.24 18.96 -18.90
C ALA A 135 2.27 19.14 -20.03
N GLN A 136 2.67 20.38 -20.29
CA GLN A 136 3.57 20.68 -21.43
C GLN A 136 4.95 20.10 -21.17
N GLY A 137 5.37 20.04 -19.90
CA GLY A 137 6.72 19.57 -19.53
C GLY A 137 6.79 18.07 -19.44
N VAL A 138 5.66 17.39 -19.30
CA VAL A 138 5.62 15.94 -18.97
C VAL A 138 5.16 15.13 -20.18
N HIS A 139 4.00 15.45 -20.77
CA HIS A 139 3.37 14.49 -21.71
C HIS A 139 2.82 15.11 -23.01
N LEU A 140 2.59 16.42 -23.07
N LEU A 140 2.54 16.41 -23.08
CA LEU A 140 2.04 17.08 -24.29
CA LEU A 140 1.92 17.01 -24.29
C LEU A 140 2.97 16.80 -25.46
C LEU A 140 2.89 16.87 -25.46
N ASP A 141 2.43 16.28 -26.57
CA ASP A 141 3.20 16.09 -27.82
C ASP A 141 4.40 15.18 -27.58
N ARG A 142 4.28 14.24 -26.66
CA ARG A 142 5.35 13.24 -26.42
C ARG A 142 4.84 11.86 -26.82
N ASN A 143 5.73 11.13 -27.46
CA ASN A 143 5.55 9.69 -27.73
C ASN A 143 5.35 9.00 -26.38
N GLU A 144 4.38 8.10 -26.28
CA GLU A 144 4.04 7.52 -24.95
C GLU A 144 5.28 6.92 -24.29
N GLU A 145 6.08 6.11 -25.02
CA GLU A 145 7.29 5.47 -24.42
C GLU A 145 8.24 6.54 -23.86
N ASP A 146 8.21 7.75 -24.43
CA ASP A 146 9.17 8.84 -24.12
C ASP A 146 8.54 9.94 -23.27
N ILE A 147 7.38 9.68 -22.65
N ILE A 147 7.38 9.68 -22.66
CA ILE A 147 6.73 10.65 -21.72
CA ILE A 147 6.77 10.66 -21.71
C ILE A 147 7.70 10.90 -20.55
C ILE A 147 7.78 10.92 -20.60
N GLY A 148 7.80 12.15 -20.10
CA GLY A 148 8.62 12.51 -18.94
C GLY A 148 8.03 11.93 -17.68
N ALA A 149 8.87 11.65 -16.68
CA ALA A 149 8.38 11.44 -15.31
C ALA A 149 7.44 12.60 -14.96
N GLY A 150 6.33 12.31 -14.29
CA GLY A 150 5.36 13.36 -13.91
C GLY A 150 5.87 14.24 -12.79
N ASP A 151 6.99 13.88 -12.17
CA ASP A 151 7.60 14.65 -11.08
C ASP A 151 9.04 14.16 -10.96
N GLN A 152 9.87 14.89 -10.23
CA GLN A 152 11.12 14.32 -9.71
C GLN A 152 10.73 13.36 -8.57
N GLY A 153 11.73 12.64 -8.07
CA GLY A 153 11.58 11.87 -6.84
C GLY A 153 12.43 10.62 -6.86
N LEU A 154 12.42 9.94 -5.73
CA LEU A 154 13.16 8.67 -5.55
C LEU A 154 12.14 7.64 -5.09
N MET A 155 12.39 6.40 -5.45
CA MET A 155 11.45 5.29 -5.17
C MET A 155 12.30 4.06 -4.90
N PHE A 156 11.82 3.21 -4.01
CA PHE A 156 12.51 1.96 -3.68
C PHE A 156 11.58 0.79 -3.92
N GLY A 157 12.19 -0.31 -4.33
CA GLY A 157 11.57 -1.64 -4.36
C GLY A 157 12.33 -2.58 -3.46
N TYR A 158 11.61 -3.46 -2.79
CA TYR A 158 12.21 -4.41 -1.82
C TYR A 158 11.57 -5.77 -2.00
N ALA A 159 12.36 -6.81 -1.81
CA ALA A 159 11.86 -8.18 -1.73
C ALA A 159 12.73 -8.97 -0.76
N THR A 160 12.10 -9.90 -0.07
CA THR A 160 12.75 -10.74 0.98
C THR A 160 12.20 -12.15 0.87
N ASP A 161 13.07 -13.15 0.88
CA ASP A 161 12.66 -14.57 0.69
C ASP A 161 12.02 -15.14 1.96
N GLU A 162 11.78 -14.33 3.01
CA GLU A 162 11.30 -14.86 4.31
C GLU A 162 9.85 -15.38 4.20
N THR A 163 9.10 -14.93 3.17
CA THR A 163 7.76 -15.46 2.82
C THR A 163 7.72 -15.80 1.32
N GLU A 164 6.81 -16.69 0.90
CA GLU A 164 6.64 -17.07 -0.52
C GLU A 164 6.38 -15.82 -1.38
N GLU A 165 5.55 -14.90 -0.87
CA GLU A 165 5.17 -13.65 -1.59
C GLU A 165 6.27 -12.60 -1.53
N CYS A 166 7.40 -12.92 -0.89
N CYS A 166 7.42 -12.91 -0.92
CA CYS A 166 8.65 -12.12 -0.87
CA CYS A 166 8.64 -12.06 -0.92
C CYS A 166 8.42 -10.81 -0.11
C CYS A 166 8.43 -10.80 -0.10
N MET A 167 7.64 -10.88 0.97
CA MET A 167 7.34 -9.73 1.85
C MET A 167 7.81 -10.04 3.25
N PRO A 168 8.09 -9.00 4.05
CA PRO A 168 8.41 -9.18 5.46
C PRO A 168 7.23 -9.81 6.19
N LEU A 169 7.51 -10.77 7.07
CA LEU A 169 6.44 -11.43 7.85
C LEU A 169 5.72 -10.39 8.72
N THR A 170 6.43 -9.42 9.28
CA THR A 170 5.82 -8.42 10.20
C THR A 170 4.63 -7.75 9.51
N ILE A 171 4.84 -7.26 8.30
CA ILE A 171 3.80 -6.47 7.58
C ILE A 171 2.72 -7.41 7.06
N VAL A 172 3.08 -8.61 6.60
CA VAL A 172 2.07 -9.60 6.13
C VAL A 172 1.10 -9.89 7.29
N LEU A 173 1.63 -10.23 8.46
CA LEU A 173 0.75 -10.57 9.60
C LEU A 173 -0.07 -9.35 10.00
N ALA A 174 0.53 -8.17 10.03
CA ALA A 174 -0.21 -6.93 10.40
C ALA A 174 -1.40 -6.72 9.45
N HIS A 175 -1.18 -6.87 8.14
CA HIS A 175 -2.26 -6.73 7.14
C HIS A 175 -3.34 -7.78 7.38
N LYS A 176 -2.92 -9.03 7.58
CA LYS A 176 -3.88 -10.15 7.71
C LYS A 176 -4.75 -9.97 8.95
N LEU A 177 -4.20 -9.40 10.03
CA LEU A 177 -4.99 -9.12 11.24
C LEU A 177 -6.11 -8.12 10.91
N ASN A 178 -5.82 -7.06 10.15
CA ASN A 178 -6.89 -6.10 9.75
C ASN A 178 -7.88 -6.78 8.81
N ALA A 179 -7.43 -7.61 7.86
CA ALA A 179 -8.32 -8.30 6.91
C ALA A 179 -9.25 -9.22 7.70
N LYS A 180 -8.72 -9.89 8.72
CA LYS A 180 -9.53 -10.80 9.58
C LYS A 180 -10.60 -9.98 10.32
N LEU A 181 -10.27 -8.82 10.86
CA LEU A 181 -11.28 -7.97 11.53
C LEU A 181 -12.39 -7.63 10.55
N ALA A 182 -12.05 -7.21 9.32
CA ALA A 182 -13.06 -6.83 8.31
C ALA A 182 -13.92 -8.05 7.97
N GLU A 183 -13.31 -9.23 7.86
CA GLU A 183 -14.03 -10.47 7.51
C GLU A 183 -15.06 -10.78 8.59
N LEU A 184 -14.68 -10.66 9.87
CA LEU A 184 -15.55 -11.06 11.01
C LEU A 184 -16.61 -10.00 11.25
N ARG A 185 -16.31 -8.73 10.91
CA ARG A 185 -17.33 -7.65 10.89
C ARG A 185 -18.33 -7.97 9.79
N ARG A 186 -17.85 -8.25 8.57
CA ARG A 186 -18.74 -8.39 7.38
C ARG A 186 -19.57 -9.66 7.46
N ASN A 187 -19.07 -10.73 8.07
CA ASN A 187 -19.83 -12.00 8.13
C ASN A 187 -20.71 -12.03 9.38
N GLY A 188 -20.67 -11.00 10.23
CA GLY A 188 -21.59 -10.85 11.38
C GLY A 188 -21.20 -11.66 12.60
N THR A 189 -20.03 -12.30 12.64
N THR A 189 -20.02 -12.33 12.56
CA THR A 189 -19.63 -13.10 13.83
CA THR A 189 -19.40 -13.10 13.67
C THR A 189 -19.15 -12.17 14.95
C THR A 189 -19.19 -12.17 14.88
N LEU A 190 -18.61 -11.00 14.63
CA LEU A 190 -18.29 -9.98 15.66
C LEU A 190 -18.99 -8.69 15.26
N PRO A 191 -20.33 -8.62 15.44
CA PRO A 191 -21.11 -7.51 14.89
C PRO A 191 -20.86 -6.18 15.62
N TRP A 192 -20.16 -6.22 16.76
CA TRP A 192 -19.73 -5.01 17.52
C TRP A 192 -18.54 -4.32 16.84
N LEU A 193 -17.89 -4.97 15.88
CA LEU A 193 -16.75 -4.35 15.17
C LEU A 193 -17.22 -3.19 14.30
N ARG A 194 -16.41 -2.14 14.24
N ARG A 194 -16.38 -2.18 14.19
CA ARG A 194 -16.56 -1.03 13.26
CA ARG A 194 -16.56 -1.04 13.26
C ARG A 194 -15.37 -1.06 12.30
C ARG A 194 -15.35 -0.99 12.34
N PRO A 195 -15.43 -0.30 11.18
CA PRO A 195 -14.39 -0.40 10.15
C PRO A 195 -12.97 0.11 10.48
N ASP A 196 -12.84 1.03 11.45
CA ASP A 196 -11.54 1.66 11.79
C ASP A 196 -10.75 0.69 12.67
N SER A 197 -9.58 0.27 12.21
CA SER A 197 -8.69 -0.62 12.99
C SER A 197 -7.22 -0.32 12.69
N LYS A 198 -6.38 -0.69 13.64
CA LYS A 198 -4.92 -0.66 13.48
C LYS A 198 -4.35 -1.90 14.14
N THR A 199 -3.30 -2.45 13.56
CA THR A 199 -2.60 -3.63 14.11
C THR A 199 -1.11 -3.35 14.07
N GLN A 200 -0.36 -4.06 14.90
CA GLN A 200 1.09 -3.90 14.91
C GLN A 200 1.70 -5.21 15.37
N VAL A 201 2.73 -5.64 14.66
CA VAL A 201 3.36 -6.96 14.91
C VAL A 201 4.86 -6.73 15.05
N THR A 202 5.39 -7.19 16.19
CA THR A 202 6.85 -7.24 16.45
C THR A 202 7.28 -8.69 16.31
N VAL A 203 8.24 -8.96 15.41
CA VAL A 203 8.82 -10.30 15.22
C VAL A 203 10.27 -10.27 15.70
N GLN A 204 10.66 -11.32 16.41
CA GLN A 204 12.08 -11.61 16.70
C GLN A 204 12.63 -12.38 15.50
N TYR A 205 13.69 -11.84 14.92
CA TYR A 205 14.36 -12.40 13.73
C TYR A 205 15.75 -12.91 14.09
N MET A 206 16.18 -13.95 13.37
N MET A 206 16.18 -13.95 13.37
CA MET A 206 17.57 -14.45 13.35
CA MET A 206 17.57 -14.47 13.35
C MET A 206 18.26 -13.84 12.13
C MET A 206 18.28 -13.86 12.12
N GLN A 207 19.46 -13.30 12.33
CA GLN A 207 20.36 -12.85 11.23
C GLN A 207 20.91 -14.11 10.55
N ASP A 208 20.71 -14.27 9.24
CA ASP A 208 21.12 -15.50 8.50
C ASP A 208 21.83 -15.12 7.20
N ARG A 209 23.15 -14.90 7.27
CA ARG A 209 24.03 -14.67 6.09
C ARG A 209 23.44 -13.54 5.23
N GLY A 210 23.05 -12.42 5.86
CA GLY A 210 22.47 -11.25 5.16
C GLY A 210 20.96 -11.33 5.01
N ALA A 211 20.37 -12.54 5.04
CA ALA A 211 18.90 -12.74 5.03
C ALA A 211 18.38 -12.71 6.46
N VAL A 212 17.06 -12.71 6.62
CA VAL A 212 16.43 -12.69 7.97
C VAL A 212 15.46 -13.86 8.05
N LEU A 213 15.56 -14.57 9.18
N LEU A 213 15.26 -14.42 9.25
CA LEU A 213 14.74 -15.75 9.50
CA LEU A 213 14.33 -15.56 9.49
C LEU A 213 13.88 -15.37 10.70
C LEU A 213 13.40 -15.25 10.66
N PRO A 214 12.54 -15.25 10.50
N PRO A 214 12.05 -15.29 10.50
CA PRO A 214 11.61 -15.05 11.61
CA PRO A 214 11.18 -15.05 11.64
C PRO A 214 11.66 -16.23 12.59
C PRO A 214 11.33 -16.22 12.62
N ILE A 215 11.64 -15.93 13.89
CA ILE A 215 11.69 -16.93 14.99
C ILE A 215 10.31 -16.99 15.66
N ARG A 216 9.85 -15.83 16.16
CA ARG A 216 8.64 -15.78 17.00
C ARG A 216 8.03 -14.38 16.92
N VAL A 217 6.73 -14.31 17.23
CA VAL A 217 6.02 -13.03 17.42
C VAL A 217 6.21 -12.62 18.88
N HIS A 218 6.82 -11.46 19.07
CA HIS A 218 7.21 -10.89 20.37
C HIS A 218 6.02 -10.12 20.96
N THR A 219 5.37 -9.29 20.14
CA THR A 219 4.28 -8.39 20.58
C THR A 219 3.26 -8.25 19.46
N ILE A 220 1.98 -8.26 19.82
CA ILE A 220 0.88 -7.88 18.90
C ILE A 220 0.06 -6.76 19.54
N VAL A 221 -0.20 -5.72 18.76
CA VAL A 221 -1.19 -4.67 19.12
C VAL A 221 -2.38 -4.83 18.18
N ILE A 222 -3.59 -4.77 18.73
CA ILE A 222 -4.82 -4.55 17.92
C ILE A 222 -5.67 -3.51 18.61
N SER A 223 -6.02 -2.46 17.88
CA SER A 223 -7.01 -1.44 18.28
C SER A 223 -8.09 -1.42 17.22
N VAL A 224 -9.34 -1.61 17.62
CA VAL A 224 -10.43 -1.60 16.62
C VAL A 224 -11.65 -0.88 17.21
N GLN A 225 -12.23 -0.04 16.37
CA GLN A 225 -13.45 0.69 16.74
C GLN A 225 -14.57 -0.31 17.01
N HIS A 226 -15.44 0.01 17.96
CA HIS A 226 -16.46 -0.93 18.46
C HIS A 226 -17.70 -0.18 18.91
N ASP A 227 -18.79 -0.94 19.10
CA ASP A 227 -20.09 -0.37 19.52
C ASP A 227 -20.08 -0.12 21.03
N GLU A 228 -21.14 0.52 21.53
N GLU A 228 -21.13 0.54 21.53
CA GLU A 228 -21.26 0.98 22.93
CA GLU A 228 -21.26 0.97 22.95
C GLU A 228 -21.85 -0.12 23.83
C GLU A 228 -21.58 -0.21 23.86
N GLU A 229 -22.06 -1.34 23.31
CA GLU A 229 -22.67 -2.46 24.06
C GLU A 229 -21.58 -3.44 24.54
N VAL A 230 -20.58 -3.73 23.72
CA VAL A 230 -19.62 -4.84 23.97
C VAL A 230 -18.65 -4.38 25.07
N CYS A 231 -18.34 -5.26 26.03
N CYS A 231 -18.33 -5.31 25.98
CA CYS A 231 -17.37 -4.89 27.09
CA CYS A 231 -17.40 -5.13 27.13
C CYS A 231 -15.95 -5.26 26.65
C CYS A 231 -15.95 -5.29 26.65
N LEU A 232 -14.99 -4.64 27.31
CA LEU A 232 -13.56 -4.75 27.01
C LEU A 232 -13.09 -6.22 27.10
N ASP A 233 -13.53 -6.97 28.11
CA ASP A 233 -13.10 -8.39 28.25
C ASP A 233 -13.60 -9.23 27.07
N GLU A 234 -14.84 -9.04 26.62
CA GLU A 234 -15.39 -9.76 25.46
C GLU A 234 -14.53 -9.46 24.23
N MET A 235 -14.21 -8.19 24.02
CA MET A 235 -13.42 -7.77 22.84
C MET A 235 -12.02 -8.39 22.93
N ARG A 236 -11.36 -8.32 24.08
CA ARG A 236 -9.96 -8.81 24.19
C ARG A 236 -9.92 -10.32 23.98
N ASP A 237 -10.89 -11.05 24.55
CA ASP A 237 -11.00 -12.51 24.36
C ASP A 237 -11.19 -12.81 22.86
N ALA A 238 -12.09 -12.10 22.20
CA ALA A 238 -12.40 -12.32 20.76
C ALA A 238 -11.17 -11.98 19.92
N LEU A 239 -10.48 -10.89 20.24
CA LEU A 239 -9.30 -10.49 19.43
C LEU A 239 -8.21 -11.56 19.54
N LYS A 240 -8.04 -12.20 20.69
CA LYS A 240 -7.02 -13.26 20.84
C LYS A 240 -7.50 -14.52 20.12
N GLU A 241 -8.74 -14.98 20.41
CA GLU A 241 -9.18 -16.33 19.99
C GLU A 241 -9.66 -16.34 18.54
N LYS A 242 -10.38 -15.31 18.10
N LYS A 242 -10.38 -15.32 18.09
CA LYS A 242 -11.09 -15.30 16.79
CA LYS A 242 -11.03 -15.30 16.75
C LYS A 242 -10.29 -14.48 15.76
C LYS A 242 -10.17 -14.57 15.73
N VAL A 243 -9.32 -13.65 16.16
CA VAL A 243 -8.52 -12.83 15.21
C VAL A 243 -7.09 -13.34 15.19
N ILE A 244 -6.35 -13.18 16.29
CA ILE A 244 -4.90 -13.54 16.33
C ILE A 244 -4.73 -15.04 16.02
N LYS A 245 -5.49 -15.91 16.68
CA LYS A 245 -5.29 -17.37 16.49
C LYS A 245 -5.70 -17.77 15.08
N ALA A 246 -6.62 -17.03 14.44
CA ALA A 246 -7.09 -17.32 13.07
C ALA A 246 -6.09 -16.82 12.03
N VAL A 247 -5.07 -16.06 12.42
CA VAL A 247 -4.13 -15.40 11.47
C VAL A 247 -2.69 -15.85 11.72
N VAL A 248 -2.23 -15.77 12.96
CA VAL A 248 -0.78 -15.97 13.29
C VAL A 248 -0.57 -17.44 13.60
N PRO A 249 0.29 -18.17 12.83
CA PRO A 249 0.60 -19.56 13.17
C PRO A 249 1.05 -19.70 14.63
N ALA A 250 0.51 -20.73 15.31
CA ALA A 250 0.77 -21.02 16.74
C ALA A 250 2.27 -21.17 16.99
N LYS A 251 3.02 -21.64 15.99
CA LYS A 251 4.48 -21.87 16.11
C LYS A 251 5.22 -20.55 16.40
N TYR A 252 4.64 -19.39 16.08
CA TYR A 252 5.27 -18.08 16.37
C TYR A 252 4.81 -17.50 17.71
N LEU A 253 3.80 -18.10 18.34
CA LEU A 253 3.21 -17.57 19.60
C LEU A 253 3.64 -18.46 20.74
N ASP A 254 4.00 -17.86 21.87
CA ASP A 254 4.41 -18.66 23.04
C ASP A 254 3.97 -17.91 24.30
N GLU A 255 4.34 -18.43 25.47
CA GLU A 255 3.84 -17.88 26.75
C GLU A 255 4.43 -16.49 27.01
N ASP A 256 5.46 -16.07 26.27
CA ASP A 256 6.13 -14.74 26.46
C ASP A 256 5.55 -13.69 25.50
N THR A 257 4.83 -14.10 24.45
CA THR A 257 4.23 -13.16 23.48
C THR A 257 3.39 -12.14 24.25
N ILE A 258 3.61 -10.87 23.97
CA ILE A 258 2.92 -9.75 24.66
C ILE A 258 1.74 -9.33 23.78
N TYR A 259 0.57 -9.19 24.38
CA TYR A 259 -0.68 -8.80 23.68
C TYR A 259 -1.17 -7.48 24.24
N HIS A 260 -1.29 -6.49 23.36
CA HIS A 260 -1.91 -5.18 23.65
C HIS A 260 -3.17 -5.10 22.81
N LEU A 261 -4.28 -5.56 23.37
CA LEU A 261 -5.58 -5.68 22.69
C LEU A 261 -6.50 -4.62 23.28
N GLN A 262 -7.01 -3.72 22.44
CA GLN A 262 -7.77 -2.53 22.88
C GLN A 262 -7.00 -1.83 24.00
N PRO A 263 -5.70 -1.52 23.82
CA PRO A 263 -4.89 -0.92 24.90
C PRO A 263 -5.35 0.47 25.34
N SER A 264 -6.11 1.18 24.50
CA SER A 264 -6.68 2.50 24.89
C SER A 264 -7.85 2.31 25.85
N GLY A 265 -8.46 1.11 25.90
CA GLY A 265 -9.59 0.83 26.81
C GLY A 265 -10.94 1.17 26.23
N ARG A 266 -11.02 2.07 25.24
CA ARG A 266 -12.32 2.49 24.66
C ARG A 266 -12.04 3.14 23.32
N PHE A 267 -12.76 2.70 22.30
CA PHE A 267 -12.60 3.09 20.88
C PHE A 267 -13.99 3.04 20.24
N VAL A 268 -14.89 3.85 20.75
CA VAL A 268 -16.27 3.97 20.21
C VAL A 268 -16.26 5.04 19.11
N ILE A 269 -15.70 6.20 19.43
CA ILE A 269 -15.44 7.27 18.43
C ILE A 269 -14.32 6.77 17.54
N GLY A 270 -14.55 6.76 16.23
CA GLY A 270 -13.54 6.30 15.28
C GLY A 270 -13.82 6.83 13.89
N GLY A 271 -13.08 6.30 12.94
CA GLY A 271 -13.12 6.83 11.57
C GLY A 271 -12.75 8.30 11.58
N PRO A 272 -13.18 9.05 10.54
CA PRO A 272 -12.84 10.47 10.42
C PRO A 272 -13.24 11.30 11.64
N GLN A 273 -14.28 10.90 12.36
CA GLN A 273 -14.70 11.62 13.57
C GLN A 273 -13.61 11.57 14.65
N GLY A 274 -12.91 10.44 14.78
CA GLY A 274 -11.84 10.29 15.78
C GLY A 274 -10.55 10.98 15.36
N ASP A 275 -10.30 11.12 14.06
CA ASP A 275 -8.95 11.47 13.54
C ASP A 275 -9.08 11.88 12.09
N ALA A 276 -8.69 13.10 11.75
CA ALA A 276 -8.70 13.57 10.35
C ALA A 276 -7.80 12.66 9.53
N GLY A 277 -8.29 12.23 8.36
CA GLY A 277 -7.54 11.38 7.42
C GLY A 277 -7.13 12.15 6.18
N LEU A 278 -6.00 11.77 5.58
CA LEU A 278 -5.52 12.37 4.32
C LEU A 278 -5.00 11.25 3.43
N THR A 279 -5.11 11.43 2.12
CA THR A 279 -4.43 10.52 1.16
C THR A 279 -2.91 10.54 1.41
N GLY A 280 -2.29 9.36 1.31
CA GLY A 280 -0.82 9.28 1.30
C GLY A 280 -0.20 9.48 2.67
N ARG A 281 -0.91 9.11 3.73
CA ARG A 281 -0.39 9.22 5.12
C ARG A 281 -0.18 7.81 5.70
N LYS A 282 -0.23 6.78 4.86
CA LYS A 282 0.05 5.38 5.29
C LYS A 282 1.05 4.75 4.29
N ILE A 283 2.09 5.50 3.91
CA ILE A 283 2.95 5.08 2.76
C ILE A 283 3.81 3.90 3.20
N ILE A 284 4.05 3.73 4.50
CA ILE A 284 4.90 2.62 5.02
C ILE A 284 4.01 1.38 5.17
N VAL A 285 2.77 1.56 5.64
CA VAL A 285 1.74 0.47 5.59
C VAL A 285 1.57 -0.01 4.15
N ASP A 286 1.60 0.92 3.19
CA ASP A 286 1.32 0.61 1.77
C ASP A 286 2.45 -0.22 1.13
N THR A 287 3.63 -0.24 1.73
CA THR A 287 4.85 -0.76 1.11
C THR A 287 5.36 -1.96 1.91
N TYR A 288 6.34 -1.78 2.79
CA TYR A 288 7.09 -2.90 3.39
C TYR A 288 7.05 -2.87 4.91
N GLY A 289 6.18 -2.04 5.50
CA GLY A 289 6.08 -1.98 6.98
C GLY A 289 7.38 -1.53 7.62
N GLY A 290 8.15 -0.69 6.93
CA GLY A 290 9.38 -0.07 7.47
C GLY A 290 10.62 -0.77 6.97
N TRP A 291 10.49 -2.00 6.48
CA TRP A 291 11.59 -2.74 5.82
C TRP A 291 11.93 -2.06 4.49
N GLY A 292 13.06 -2.44 3.90
CA GLY A 292 13.49 -1.87 2.62
C GLY A 292 13.79 -0.40 2.82
N ALA A 293 13.12 0.45 2.06
CA ALA A 293 13.25 1.92 2.14
C ALA A 293 12.07 2.55 1.42
N HIS A 294 11.91 3.84 1.60
CA HIS A 294 10.81 4.61 0.99
C HIS A 294 11.33 5.95 0.51
N GLY A 295 10.91 6.38 -0.67
CA GLY A 295 11.29 7.68 -1.26
C GLY A 295 10.35 8.82 -0.88
N GLY A 296 9.22 8.52 -0.25
CA GLY A 296 8.29 9.54 0.31
C GLY A 296 7.00 9.68 -0.47
N GLY A 297 6.94 9.19 -1.71
CA GLY A 297 5.77 9.38 -2.59
C GLY A 297 4.57 8.58 -2.14
N ALA A 298 3.37 9.17 -2.21
CA ALA A 298 2.10 8.47 -1.97
C ALA A 298 1.69 7.79 -3.27
N PHE A 299 0.96 6.69 -3.20
CA PHE A 299 0.49 5.95 -4.39
C PHE A 299 -0.90 6.42 -4.83
N SER A 300 -1.83 6.52 -3.89
CA SER A 300 -3.27 6.56 -4.24
C SER A 300 -3.65 7.88 -4.89
N GLY A 301 -4.56 7.81 -5.85
CA GLY A 301 -5.11 8.99 -6.55
C GLY A 301 -4.27 9.46 -7.71
N LYS A 302 -3.25 8.67 -8.11
N LYS A 302 -3.25 8.67 -8.10
CA LYS A 302 -2.26 9.09 -9.14
CA LYS A 302 -2.23 9.05 -9.11
C LYS A 302 -2.26 8.11 -10.31
C LYS A 302 -2.27 8.10 -10.31
N ASP A 303 -2.31 8.65 -11.52
CA ASP A 303 -2.17 7.87 -12.78
C ASP A 303 -0.70 7.50 -12.98
N TYR A 304 -0.43 6.67 -13.98
CA TYR A 304 0.91 6.04 -14.17
C TYR A 304 2.01 7.07 -14.41
N THR A 305 1.69 8.28 -14.90
CA THR A 305 2.74 9.28 -15.21
C THR A 305 3.38 9.77 -13.92
N LYS A 306 2.71 9.60 -12.79
CA LYS A 306 3.26 9.94 -11.46
C LYS A 306 4.14 8.76 -11.04
N VAL A 307 5.45 8.91 -11.25
CA VAL A 307 6.45 7.86 -10.93
C VAL A 307 6.45 7.50 -9.44
N ASP A 308 5.94 8.34 -8.55
CA ASP A 308 5.76 7.95 -7.13
C ASP A 308 5.10 6.57 -7.06
N ARG A 309 4.14 6.32 -7.94
CA ARG A 309 3.43 5.03 -7.99
C ARG A 309 4.08 4.09 -9.01
N SER A 310 4.12 4.46 -10.29
CA SER A 310 4.53 3.54 -11.37
C SER A 310 5.97 3.04 -11.12
N ALA A 311 6.89 3.91 -10.73
CA ALA A 311 8.31 3.51 -10.53
C ALA A 311 8.46 2.68 -9.25
N ALA A 312 7.67 2.95 -8.21
CA ALA A 312 7.68 2.13 -6.97
C ALA A 312 7.16 0.73 -7.31
N TYR A 313 6.12 0.65 -8.15
CA TYR A 313 5.57 -0.67 -8.58
C TYR A 313 6.63 -1.39 -9.40
N ALA A 314 7.26 -0.70 -10.34
CA ALA A 314 8.31 -1.30 -11.19
C ALA A 314 9.49 -1.74 -10.31
N ALA A 315 9.87 -0.94 -9.30
CA ALA A 315 11.03 -1.27 -8.43
C ALA A 315 10.71 -2.53 -7.61
N ARG A 316 9.47 -2.67 -7.13
CA ARG A 316 9.02 -3.91 -6.46
C ARG A 316 9.16 -5.08 -7.43
N TRP A 317 8.71 -4.89 -8.67
CA TRP A 317 8.76 -5.93 -9.72
C TRP A 317 10.20 -6.36 -9.96
N VAL A 318 11.12 -5.41 -10.01
CA VAL A 318 12.57 -5.71 -10.20
C VAL A 318 13.07 -6.52 -8.99
N ALA A 319 12.81 -6.02 -7.77
CA ALA A 319 13.32 -6.65 -6.53
C ALA A 319 12.77 -8.08 -6.45
N LYS A 320 11.47 -8.24 -6.70
CA LYS A 320 10.85 -9.58 -6.62
C LYS A 320 11.42 -10.50 -7.71
N SER A 321 11.68 -9.97 -8.91
CA SER A 321 12.29 -10.73 -10.04
C SER A 321 13.69 -11.23 -9.63
N LEU A 322 14.47 -10.41 -8.93
CA LEU A 322 15.85 -10.78 -8.52
C LEU A 322 15.77 -11.90 -7.48
N VAL A 323 14.85 -11.80 -6.53
CA VAL A 323 14.74 -12.84 -5.47
C VAL A 323 14.17 -14.14 -6.08
N LYS A 324 13.05 -14.06 -6.79
CA LYS A 324 12.42 -15.24 -7.42
C LYS A 324 13.31 -15.85 -8.50
N GLY A 325 14.19 -15.06 -9.12
CA GLY A 325 15.19 -15.56 -10.08
C GLY A 325 16.36 -16.24 -9.41
N GLY A 326 16.42 -16.25 -8.07
CA GLY A 326 17.46 -16.92 -7.29
C GLY A 326 18.78 -16.16 -7.28
N LEU A 327 18.76 -14.87 -7.60
CA LEU A 327 20.02 -14.06 -7.64
C LEU A 327 20.33 -13.47 -6.26
N CYS A 328 19.37 -13.45 -5.36
N CYS A 328 19.30 -13.23 -5.43
CA CYS A 328 19.59 -12.96 -3.99
CA CYS A 328 19.39 -12.68 -4.05
C CYS A 328 18.40 -13.37 -3.13
C CYS A 328 18.40 -13.40 -3.14
N ARG A 329 18.61 -13.33 -1.82
CA ARG A 329 17.58 -13.69 -0.82
C ARG A 329 16.80 -12.44 -0.42
N ARG A 330 17.44 -11.27 -0.46
CA ARG A 330 16.89 -9.98 0.00
C ARG A 330 17.52 -8.90 -0.87
N VAL A 331 16.73 -7.94 -1.36
CA VAL A 331 17.31 -6.90 -2.25
C VAL A 331 16.47 -5.62 -2.17
N LEU A 332 17.17 -4.52 -2.26
CA LEU A 332 16.60 -3.17 -2.32
C LEU A 332 17.06 -2.53 -3.61
N VAL A 333 16.11 -1.92 -4.32
CA VAL A 333 16.33 -1.22 -5.61
C VAL A 333 15.96 0.25 -5.37
N GLN A 334 16.87 1.18 -5.61
CA GLN A 334 16.50 2.61 -5.67
C GLN A 334 16.52 3.06 -7.13
N VAL A 335 15.51 3.83 -7.50
CA VAL A 335 15.48 4.61 -8.76
C VAL A 335 15.15 6.05 -8.42
N SER A 336 15.43 6.96 -9.34
CA SER A 336 15.02 8.37 -9.18
C SER A 336 14.78 9.00 -10.54
N TYR A 337 14.05 10.10 -10.55
CA TYR A 337 13.58 10.75 -11.80
C TYR A 337 13.68 12.25 -11.65
N ALA A 338 13.71 12.93 -12.79
CA ALA A 338 13.51 14.38 -12.92
C ALA A 338 12.20 14.60 -13.66
N ILE A 339 11.40 15.58 -13.25
CA ILE A 339 10.15 15.90 -13.99
C ILE A 339 10.52 16.17 -15.46
N GLY A 340 9.77 15.57 -16.39
CA GLY A 340 9.93 15.82 -17.83
C GLY A 340 10.98 14.94 -18.48
N VAL A 341 11.70 14.14 -17.70
CA VAL A 341 12.79 13.25 -18.20
C VAL A 341 12.28 11.80 -18.06
N SER A 342 12.39 11.03 -19.14
N SER A 342 12.37 11.01 -19.13
CA SER A 342 11.83 9.65 -19.25
CA SER A 342 11.79 9.65 -19.19
C SER A 342 12.67 8.68 -18.42
C SER A 342 12.67 8.66 -18.42
N HIS A 343 13.96 8.60 -18.71
CA HIS A 343 14.87 7.59 -18.09
C HIS A 343 15.15 7.97 -16.64
N PRO A 344 15.28 6.97 -15.75
CA PRO A 344 15.69 7.25 -14.38
C PRO A 344 17.07 7.92 -14.37
N LEU A 345 17.25 8.81 -13.41
CA LEU A 345 18.52 9.55 -13.21
C LEU A 345 19.54 8.62 -12.55
N SER A 346 19.07 7.69 -11.73
CA SER A 346 19.93 6.79 -10.94
C SER A 346 19.20 5.46 -10.75
N ILE A 347 19.98 4.39 -10.72
CA ILE A 347 19.50 3.04 -10.31
C ILE A 347 20.58 2.50 -9.37
N SER A 348 20.16 1.92 -8.25
N SER A 348 20.15 1.87 -8.28
CA SER A 348 21.04 1.37 -7.21
CA SER A 348 21.05 1.39 -7.20
C SER A 348 20.47 0.06 -6.73
C SER A 348 20.49 0.09 -6.62
N ILE A 349 21.35 -0.91 -6.46
CA ILE A 349 20.97 -2.26 -5.97
C ILE A 349 21.77 -2.50 -4.70
N PHE A 350 21.07 -2.82 -3.62
CA PHE A 350 21.66 -3.22 -2.32
C PHE A 350 21.15 -4.63 -2.00
N HIS A 351 22.05 -5.63 -1.96
CA HIS A 351 21.61 -7.05 -1.82
C HIS A 351 21.88 -7.61 -0.41
N TYR A 352 22.28 -6.76 0.55
CA TYR A 352 22.42 -7.11 1.99
C TYR A 352 23.44 -8.25 2.16
N GLY A 353 24.32 -8.45 1.19
CA GLY A 353 25.29 -9.56 1.17
C GLY A 353 24.65 -10.92 0.88
N THR A 354 23.51 -10.97 0.19
CA THR A 354 22.75 -12.23 -0.03
C THR A 354 22.85 -12.72 -1.46
N SER A 355 23.86 -12.28 -2.22
CA SER A 355 24.11 -12.74 -3.60
C SER A 355 25.59 -13.13 -3.73
N GLN A 356 25.88 -14.14 -4.55
CA GLN A 356 27.26 -14.40 -5.01
C GLN A 356 27.65 -13.33 -6.03
N LYS A 357 26.68 -12.71 -6.69
CA LYS A 357 26.97 -11.64 -7.69
C LYS A 357 27.16 -10.33 -6.95
N SER A 358 28.07 -9.49 -7.44
CA SER A 358 28.27 -8.12 -6.90
C SER A 358 27.00 -7.31 -7.16
N GLU A 359 26.83 -6.23 -6.40
CA GLU A 359 25.74 -5.25 -6.64
C GLU A 359 25.91 -4.67 -8.06
N ARG A 360 27.14 -4.43 -8.51
CA ARG A 360 27.45 -3.95 -9.90
C ARG A 360 26.88 -4.95 -10.92
N GLU A 361 27.11 -6.26 -10.72
N GLU A 361 27.14 -6.26 -10.73
CA GLU A 361 26.64 -7.31 -11.66
CA GLU A 361 26.63 -7.33 -11.63
C GLU A 361 25.10 -7.38 -11.64
C GLU A 361 25.10 -7.32 -11.65
N LEU A 362 24.47 -7.24 -10.48
CA LEU A 362 22.98 -7.20 -10.39
C LEU A 362 22.46 -5.95 -11.11
N LEU A 363 23.15 -4.81 -10.96
CA LEU A 363 22.72 -3.55 -11.60
C LEU A 363 22.76 -3.76 -13.13
N GLU A 364 23.79 -4.43 -13.65
CA GLU A 364 23.90 -4.70 -15.11
C GLU A 364 22.77 -5.63 -15.55
N ILE A 365 22.42 -6.62 -14.74
CA ILE A 365 21.31 -7.56 -15.06
C ILE A 365 20.01 -6.75 -15.11
N VAL A 366 19.79 -5.87 -14.13
CA VAL A 366 18.55 -5.03 -14.11
C VAL A 366 18.53 -4.16 -15.38
N LYS A 367 19.64 -3.51 -15.71
CA LYS A 367 19.70 -2.61 -16.89
C LYS A 367 19.42 -3.39 -18.19
N LYS A 368 19.86 -4.66 -18.27
CA LYS A 368 19.69 -5.49 -19.49
C LYS A 368 18.24 -5.98 -19.60
N ASN A 369 17.50 -6.09 -18.50
CA ASN A 369 16.18 -6.77 -18.46
C ASN A 369 15.00 -5.82 -18.27
N PHE A 370 15.22 -4.61 -17.75
CA PHE A 370 14.15 -3.66 -17.41
C PHE A 370 14.37 -2.33 -18.11
N ASP A 371 13.25 -1.71 -18.50
CA ASP A 371 13.18 -0.34 -19.02
C ASP A 371 12.26 0.42 -18.07
N LEU A 372 12.82 1.29 -17.23
CA LEU A 372 12.05 1.93 -16.14
C LEU A 372 11.64 3.36 -16.53
N ARG A 373 11.51 3.63 -17.82
CA ARG A 373 10.76 4.83 -18.29
C ARG A 373 9.30 4.62 -17.96
N PRO A 374 8.58 5.64 -17.44
N PRO A 374 8.58 5.64 -17.44
CA PRO A 374 7.17 5.47 -17.08
CA PRO A 374 7.17 5.47 -17.08
C PRO A 374 6.28 5.05 -18.26
C PRO A 374 6.28 5.05 -18.26
N GLY A 375 6.61 5.49 -19.47
CA GLY A 375 5.89 5.14 -20.69
C GLY A 375 6.15 3.74 -21.18
N VAL A 376 7.11 3.02 -20.59
CA VAL A 376 7.32 1.57 -20.82
C VAL A 376 6.73 0.80 -19.64
N ILE A 377 6.98 1.26 -18.41
CA ILE A 377 6.38 0.61 -17.21
C ILE A 377 4.86 0.48 -17.42
N VAL A 378 4.21 1.51 -17.94
CA VAL A 378 2.74 1.49 -18.14
C VAL A 378 2.33 0.27 -18.98
N ARG A 379 3.12 -0.06 -20.00
N ARG A 379 3.11 -0.06 -20.01
CA ARG A 379 2.84 -1.20 -20.90
CA ARG A 379 2.84 -1.21 -20.92
C ARG A 379 3.10 -2.51 -20.14
C ARG A 379 3.12 -2.53 -20.18
N ASP A 380 4.26 -2.62 -19.49
CA ASP A 380 4.68 -3.86 -18.80
C ASP A 380 3.73 -4.20 -17.66
N LEU A 381 3.27 -3.19 -16.91
CA LEU A 381 2.45 -3.44 -15.69
C LEU A 381 0.97 -3.08 -15.91
N ASP A 382 0.60 -2.71 -17.14
CA ASP A 382 -0.82 -2.51 -17.55
C ASP A 382 -1.44 -1.40 -16.68
N LEU A 383 -0.74 -0.28 -16.52
CA LEU A 383 -1.08 0.70 -15.45
C LEU A 383 -2.19 1.67 -15.87
N LYS A 384 -2.80 1.49 -17.04
CA LYS A 384 -4.05 2.23 -17.37
C LYS A 384 -5.28 1.46 -16.90
N LYS A 385 -5.13 0.21 -16.44
N LYS A 385 -5.13 0.22 -16.43
CA LYS A 385 -6.28 -0.63 -16.01
CA LYS A 385 -6.27 -0.62 -16.00
C LYS A 385 -6.82 -0.12 -14.67
C LYS A 385 -6.82 -0.10 -14.67
N PRO A 386 -8.15 0.04 -14.54
CA PRO A 386 -8.76 0.57 -13.31
C PRO A 386 -8.82 -0.50 -12.20
N ILE A 387 -7.66 -0.90 -11.68
CA ILE A 387 -7.55 -1.91 -10.59
C ILE A 387 -7.01 -1.24 -9.33
N TYR A 388 -6.95 0.08 -9.28
CA TYR A 388 -6.21 0.78 -8.21
C TYR A 388 -6.95 0.76 -6.87
N GLN A 389 -8.27 0.83 -6.85
CA GLN A 389 -8.96 0.79 -5.54
C GLN A 389 -8.59 -0.50 -4.80
N ARG A 390 -8.38 -1.61 -5.52
N ARG A 390 -8.40 -1.61 -5.52
CA ARG A 390 -8.00 -2.93 -4.93
CA ARG A 390 -8.00 -2.92 -4.94
C ARG A 390 -6.62 -2.88 -4.27
C ARG A 390 -6.67 -2.78 -4.17
N THR A 391 -5.77 -1.90 -4.62
CA THR A 391 -4.42 -1.74 -4.03
C THR A 391 -4.45 -0.94 -2.72
N ALA A 392 -5.52 -0.18 -2.43
CA ALA A 392 -5.50 0.96 -1.49
C ALA A 392 -5.76 0.54 -0.04
N ALA A 393 -5.97 -0.75 0.22
CA ALA A 393 -5.92 -1.34 1.58
C ALA A 393 -5.14 -2.65 1.55
N TYR A 394 -4.53 -2.97 2.68
CA TYR A 394 -3.80 -4.24 2.95
C TYR A 394 -2.49 -4.30 2.16
N GLY A 395 -1.96 -3.15 1.75
CA GLY A 395 -0.65 -3.04 1.11
C GLY A 395 -0.73 -3.22 -0.39
N HIS A 396 0.19 -2.58 -1.11
CA HIS A 396 0.19 -2.60 -2.60
C HIS A 396 0.96 -3.82 -3.09
N PHE A 397 1.74 -4.44 -2.22
CA PHE A 397 2.70 -5.50 -2.58
C PHE A 397 2.39 -6.78 -1.83
N GLY A 398 2.79 -7.88 -2.45
CA GLY A 398 2.73 -9.21 -1.84
C GLY A 398 1.37 -9.87 -1.92
N ARG A 399 0.48 -9.41 -2.79
CA ARG A 399 -0.84 -10.11 -2.88
C ARG A 399 -1.45 -9.99 -4.27
N ASP A 400 -2.27 -10.98 -4.60
CA ASP A 400 -3.26 -10.98 -5.72
C ASP A 400 -2.59 -11.06 -7.10
N SER A 401 -1.28 -11.33 -7.17
CA SER A 401 -0.57 -11.52 -8.47
C SER A 401 -0.89 -10.35 -9.40
N PHE A 402 -0.92 -9.12 -8.87
CA PHE A 402 -0.86 -7.87 -9.66
C PHE A 402 0.35 -7.98 -10.57
N PRO A 403 0.39 -7.28 -11.73
CA PRO A 403 1.51 -7.46 -12.67
C PRO A 403 2.91 -7.29 -12.06
N TRP A 404 3.05 -6.38 -11.09
CA TRP A 404 4.35 -6.10 -10.43
C TRP A 404 4.74 -7.24 -9.47
N GLU A 405 3.82 -8.17 -9.19
CA GLU A 405 4.07 -9.34 -8.33
C GLU A 405 4.38 -10.59 -9.15
N VAL A 406 4.30 -10.52 -10.48
CA VAL A 406 4.60 -11.67 -11.38
C VAL A 406 6.04 -11.46 -11.82
N PRO A 407 7.04 -12.26 -11.36
N PRO A 407 7.02 -12.25 -11.32
CA PRO A 407 8.43 -11.96 -11.64
CA PRO A 407 8.42 -12.04 -11.66
C PRO A 407 8.74 -12.08 -13.14
C PRO A 407 8.70 -12.06 -13.18
N LYS A 408 9.61 -11.19 -13.61
CA LYS A 408 10.15 -11.24 -14.98
C LYS A 408 11.25 -12.30 -15.00
N LYS A 409 11.21 -13.20 -15.98
N LYS A 409 11.23 -13.20 -15.99
CA LYS A 409 12.31 -14.16 -16.28
CA LYS A 409 12.32 -14.18 -16.25
C LYS A 409 13.52 -13.33 -16.74
C LYS A 409 13.54 -13.43 -16.78
N LEU A 410 14.65 -13.45 -16.05
CA LEU A 410 15.84 -12.62 -16.33
C LEU A 410 16.79 -13.36 -17.27
N LYS A 411 17.28 -12.62 -18.28
CA LYS A 411 18.34 -13.05 -19.22
C LYS A 411 19.67 -12.48 -18.73
N TYR A 412 20.70 -13.31 -18.57
CA TYR A 412 22.06 -12.91 -18.14
C TYR A 412 23.03 -14.09 -18.30
N SAM B . -5.45 12.69 15.91
CA SAM B . -5.49 11.83 17.15
C SAM B . -5.59 12.72 18.39
O SAM B . -6.33 13.73 18.29
OXT SAM B . -5.00 12.45 19.45
CB SAM B . -4.24 10.95 17.25
CG SAM B . -4.29 9.86 16.23
SD SAM B . -5.55 8.55 16.56
CE SAM B . -4.80 7.76 17.96
C5' SAM B . -4.83 7.64 15.19
C4' SAM B . -5.61 6.43 14.78
O4' SAM B . -5.77 5.57 15.92
C3' SAM B . -7.01 6.72 14.27
O3' SAM B . -6.97 7.04 12.88
C2' SAM B . -7.66 5.37 14.53
O2' SAM B . -7.31 4.38 13.59
C1' SAM B . -7.06 5.00 15.87
N9 SAM B . -7.85 5.45 17.01
C8 SAM B . -8.80 6.44 17.08
N7 SAM B . -9.38 6.53 18.24
C5 SAM B . -8.81 5.51 18.98
C6 SAM B . -9.02 5.08 20.31
N6 SAM B . -9.94 5.61 21.11
N1 SAM B . -8.31 4.02 20.73
C2 SAM B . -7.41 3.47 19.89
N3 SAM B . -7.10 3.80 18.64
C4 SAM B . -7.86 4.84 18.24
C1 WJL C . 16.94 -0.01 7.00
C2 WJL C . 16.05 -0.94 7.83
C3 WJL C . 14.65 -1.08 7.27
C6 WJL C . 17.81 -4.04 7.38
C7 WJL C . 17.67 -4.04 8.79
C8 WJL C . 18.07 -4.91 9.82
C12 WJL C . 20.69 -7.58 10.08
C15 WJL C . 22.76 -9.40 9.61
C19 WJL C . 21.54 -10.89 8.41
C21 WJL C . 20.41 -8.72 9.34
C23 WJL C . 17.03 -3.37 11.36
C24 WJL C . 16.69 -3.03 12.77
N4 WJL C . 16.72 -2.23 7.96
N5 WJL C . 17.23 -2.97 6.91
C9 WJL C . 18.86 -6.10 9.46
O10 WJL C . 18.69 -6.62 8.35
N11 WJL C . 19.80 -6.54 10.34
C13 WJL C . 22.01 -7.35 10.56
C14 WJL C . 23.02 -8.24 10.34
N16 WJL C . 23.54 -10.44 9.23
N18 WJL C . 22.76 -11.33 8.49
C20 WJL C . 21.45 -9.63 9.10
C22 WJL C . 17.77 -4.54 11.13
C25 WJL C . 15.40 -2.27 13.03
C26 WJL C . 16.74 -1.58 13.23
N27 WJL C . 16.67 -2.56 10.37
C28 WJL C . 16.97 -2.86 9.13
C1 EDO D . 22.81 -6.19 6.88
O1 EDO D . 23.93 -5.32 6.85
C2 EDO D . 22.98 -7.39 6.03
O2 EDO D . 24.30 -7.89 5.97
C1 EDO E . 9.28 -21.09 14.12
O1 EDO E . 10.42 -20.46 14.65
C2 EDO E . 9.04 -22.41 14.74
O2 EDO E . 8.45 -22.34 16.04
C1 EDO F . 26.27 -0.96 -7.89
O1 EDO F . 26.82 0.33 -7.77
C2 EDO F . 25.01 -1.13 -7.15
O2 EDO F . 24.12 -0.03 -7.08
C1 EDO G . 8.80 12.64 -28.76
C1 EDO G . 8.96 13.28 -28.50
O1 EDO G . 8.39 12.17 -27.49
O1 EDO G . 8.63 12.15 -27.72
C2 EDO G . 7.98 13.75 -29.30
C2 EDO G . 8.30 13.29 -29.83
O2 EDO G . 8.11 14.96 -28.56
O2 EDO G . 6.96 12.86 -29.84
C1 EDO H . 18.11 14.31 -21.07
O1 EDO H . 18.58 13.49 -20.02
C2 EDO H . 17.61 15.64 -20.59
O2 EDO H . 17.17 16.50 -21.62
C1 EDO I . 11.13 -4.19 -19.99
O1 EDO I . 10.34 -3.28 -20.72
C2 EDO I . 10.76 -4.33 -18.56
O2 EDO I . 11.03 -3.19 -17.76
CL CL J . -4.60 -9.52 3.54
NA NA K . -5.06 12.97 11.58
#